data_3GPI
#
_entry.id   3GPI
#
_cell.length_a   35.574
_cell.length_b   68.892
_cell.length_c   96.141
_cell.angle_alpha   90.000
_cell.angle_beta   90.000
_cell.angle_gamma   90.000
#
_symmetry.space_group_name_H-M   'P 21 21 21'
#
loop_
_entity.id
_entity.type
_entity.pdbx_description
1 polymer 'NAD-dependent epimerase/dehydratase'
2 non-polymer 1,2-ETHANEDIOL
3 water water
#
_entity_poly.entity_id   1
_entity_poly.type   'polypeptide(L)'
_entity_poly.pdbx_seq_one_letter_code
;MSLSKILIAGCGDLGLELARRLTAQGHEVTGLRRSAQPMPAGVQTLIADVTRPDTLASIVHLRPEILVYCVAASEYSDEH
YRLSYVEGLRNTLSALEGAPLQHVFFVSSTGVYGQEVEEWLDEDTPPIAKDFSGKRMLEAEALLAAYSSTILRFSGIYGP
GRLRMIRQAQTPEQWPARNAWTNRIHRDDGAAFIAYLIQQRSHAVPERLYIVTDNQPLPVHDLLRWLADRQGIAYPAGAT
PPVQGNKKLSNARLLASGYQLIYPDYVSGYGALLAAMREGHHHHHH
;
_entity_poly.pdbx_strand_id   A
#
# COMPACT_ATOMS: atom_id res chain seq x y z
N SER A 2 2.99 18.72 -20.55
CA SER A 2 1.68 18.47 -19.90
C SER A 2 1.85 17.53 -18.73
N LEU A 3 0.94 17.63 -17.75
CA LEU A 3 0.92 16.66 -16.64
C LEU A 3 0.65 15.27 -17.17
N SER A 4 1.34 14.29 -16.59
CA SER A 4 1.30 12.92 -17.10
C SER A 4 -0.13 12.33 -17.01
N LYS A 5 -0.49 11.54 -18.03
CA LYS A 5 -1.73 10.75 -18.03
C LYS A 5 -1.43 9.48 -17.24
N ILE A 6 -2.35 9.09 -16.35
CA ILE A 6 -2.10 8.02 -15.38
C ILE A 6 -3.14 6.94 -15.55
N LEU A 7 -2.69 5.69 -15.63
CA LEU A 7 -3.59 4.52 -15.52
C LEU A 7 -3.33 3.87 -14.18
N ILE A 8 -4.39 3.72 -13.39
CA ILE A 8 -4.30 3.02 -12.09
C ILE A 8 -4.99 1.66 -12.26
N ALA A 9 -4.23 0.58 -12.21
CA ALA A 9 -4.80 -0.75 -12.32
C ALA A 9 -5.08 -1.23 -10.91
N GLY A 10 -6.37 -1.41 -10.61
CA GLY A 10 -6.80 -1.78 -9.28
C GLY A 10 -7.44 -0.59 -8.62
N CYS A 11 -8.74 -0.66 -8.41
CA CYS A 11 -9.51 0.46 -7.85
C CYS A 11 -10.10 0.15 -6.48
N GLY A 12 -9.29 -0.46 -5.63
CA GLY A 12 -9.63 -0.52 -4.23
C GLY A 12 -9.42 0.83 -3.57
N ASP A 13 -9.37 0.85 -2.25
CA ASP A 13 -9.41 2.13 -1.57
C ASP A 13 -8.16 2.98 -1.83
N LEU A 14 -7.01 2.32 -1.91
CA LEU A 14 -5.77 3.06 -2.16
C LEU A 14 -5.81 3.68 -3.54
N GLY A 15 -6.20 2.88 -4.54
CA GLY A 15 -6.26 3.41 -5.92
C GLY A 15 -7.26 4.54 -6.06
N LEU A 16 -8.38 4.46 -5.34
CA LEU A 16 -9.37 5.51 -5.41
C LEU A 16 -8.91 6.80 -4.77
N GLU A 17 -8.21 6.68 -3.65
CA GLU A 17 -7.70 7.86 -3.00
C GLU A 17 -6.59 8.51 -3.82
N LEU A 18 -5.75 7.66 -4.44
CA LEU A 18 -4.73 8.16 -5.33
C LEU A 18 -5.36 8.88 -6.50
N ALA A 19 -6.39 8.27 -7.09
CA ALA A 19 -7.04 8.92 -8.24
C ALA A 19 -7.58 10.28 -7.85
N ARG A 20 -8.17 10.38 -6.66
CA ARG A 20 -8.77 11.64 -6.22
C ARG A 20 -7.72 12.72 -6.14
N ARG A 21 -6.55 12.39 -5.56
CA ARG A 21 -5.47 13.34 -5.41
C ARG A 21 -4.89 13.76 -6.75
N LEU A 22 -4.64 12.80 -7.64
CA LEU A 22 -4.02 13.09 -8.93
C LEU A 22 -4.98 13.91 -9.78
N THR A 23 -6.27 13.61 -9.74
CA THR A 23 -7.24 14.41 -10.50
C THR A 23 -7.27 15.84 -9.99
N ALA A 24 -7.22 16.00 -8.65
CA ALA A 24 -7.20 17.35 -8.09
C ALA A 24 -5.99 18.14 -8.52
N GLN A 25 -4.87 17.47 -8.76
CA GLN A 25 -3.66 18.12 -9.21
C GLN A 25 -3.62 18.37 -10.72
N GLY A 26 -4.66 17.90 -11.42
CA GLY A 26 -4.81 18.23 -12.84
C GLY A 26 -4.47 17.15 -13.82
N HIS A 27 -4.09 15.98 -13.32
CA HIS A 27 -3.82 14.85 -14.20
C HIS A 27 -5.09 14.23 -14.81
N GLU A 28 -4.91 13.61 -15.97
CA GLU A 28 -5.91 12.74 -16.57
C GLU A 28 -5.68 11.37 -15.98
N VAL A 29 -6.67 10.86 -15.26
CA VAL A 29 -6.54 9.61 -14.52
C VAL A 29 -7.67 8.67 -14.92
N THR A 30 -7.33 7.41 -15.19
CA THR A 30 -8.33 6.36 -15.47
C THR A 30 -7.96 5.14 -14.64
N GLY A 31 -8.99 4.46 -14.11
CA GLY A 31 -8.77 3.22 -13.37
C GLY A 31 -9.21 1.98 -14.13
N LEU A 32 -8.66 0.87 -13.76
CA LEU A 32 -9.08 -0.41 -14.28
C LEU A 32 -9.63 -1.16 -13.08
N ARG A 33 -10.92 -1.54 -13.13
CA ARG A 33 -11.60 -2.23 -12.03
C ARG A 33 -12.30 -3.50 -12.48
N ARG A 34 -12.79 -4.29 -11.53
CA ARG A 34 -13.72 -5.39 -11.81
C ARG A 34 -15.20 -4.93 -11.81
N SER A 35 -16.09 -5.67 -12.51
CA SER A 35 -17.52 -5.31 -12.57
C SER A 35 -18.23 -5.36 -11.21
N ALA A 36 -17.76 -6.22 -10.32
CA ALA A 36 -18.37 -6.31 -8.98
C ALA A 36 -17.94 -5.20 -8.04
N GLN A 37 -17.08 -4.29 -8.52
CA GLN A 37 -16.59 -3.19 -7.72
C GLN A 37 -17.33 -1.93 -8.10
N PRO A 38 -18.24 -1.51 -7.23
CA PRO A 38 -18.90 -0.27 -7.46
C PRO A 38 -17.95 0.90 -7.24
N MET A 39 -18.12 1.92 -8.04
CA MET A 39 -17.31 3.12 -7.94
C MET A 39 -18.09 4.29 -7.42
N PRO A 40 -17.42 5.23 -6.73
CA PRO A 40 -18.07 6.49 -6.37
C PRO A 40 -18.26 7.36 -7.61
N ALA A 41 -19.35 8.09 -7.64
CA ALA A 41 -19.66 8.97 -8.76
C ALA A 41 -18.51 9.90 -9.04
N GLY A 42 -18.21 10.01 -10.32
CA GLY A 42 -17.18 10.95 -10.79
C GLY A 42 -15.85 10.31 -11.12
N VAL A 43 -15.57 9.08 -10.67
CA VAL A 43 -14.32 8.45 -11.00
C VAL A 43 -14.39 7.79 -12.38
N GLN A 44 -13.34 7.96 -13.18
CA GLN A 44 -13.29 7.45 -14.53
C GLN A 44 -12.64 6.09 -14.52
N THR A 45 -13.37 5.03 -14.85
CA THR A 45 -12.79 3.69 -14.91
C THR A 45 -13.35 2.91 -16.09
N LEU A 46 -12.65 1.84 -16.44
CA LEU A 46 -13.15 0.77 -17.30
C LEU A 46 -13.09 -0.55 -16.56
N ILE A 47 -13.90 -1.51 -17.00
CA ILE A 47 -13.91 -2.84 -16.46
C ILE A 47 -12.99 -3.72 -17.28
N ALA A 48 -12.09 -4.41 -16.62
CA ALA A 48 -11.28 -5.42 -17.27
C ALA A 48 -10.76 -6.42 -16.25
N ASP A 49 -10.14 -7.49 -16.74
CA ASP A 49 -9.62 -8.55 -15.90
C ASP A 49 -8.19 -8.73 -16.29
N VAL A 50 -7.28 -8.33 -15.40
CA VAL A 50 -5.85 -8.39 -15.68
C VAL A 50 -5.34 -9.80 -15.97
N THR A 51 -6.10 -10.83 -15.57
CA THR A 51 -5.73 -12.22 -15.83
C THR A 51 -6.16 -12.71 -17.22
N ARG A 52 -6.97 -11.89 -17.90
CA ARG A 52 -7.50 -12.24 -19.20
C ARG A 52 -7.09 -11.22 -20.26
N PRO A 53 -6.00 -11.50 -20.99
CA PRO A 53 -5.50 -10.59 -22.01
C PRO A 53 -6.57 -10.06 -22.98
N ASP A 54 -7.59 -10.87 -23.28
CA ASP A 54 -8.62 -10.45 -24.23
C ASP A 54 -9.51 -9.30 -23.73
N THR A 55 -9.45 -9.00 -22.43
CA THR A 55 -10.22 -7.88 -21.88
C THR A 55 -9.36 -6.63 -21.76
N LEU A 56 -8.09 -6.73 -22.16
CA LEU A 56 -7.12 -5.61 -21.99
C LEU A 56 -6.78 -4.89 -23.30
N ALA A 57 -7.48 -5.21 -24.37
CA ALA A 57 -7.11 -4.69 -25.67
C ALA A 57 -7.41 -3.21 -25.82
N SER A 58 -8.20 -2.61 -24.93
CA SER A 58 -8.59 -1.20 -25.06
C SER A 58 -7.64 -0.27 -24.31
N ILE A 59 -6.90 -0.80 -23.34
CA ILE A 59 -6.19 0.11 -22.43
C ILE A 59 -5.08 0.92 -23.11
N VAL A 60 -4.44 0.39 -24.15
CA VAL A 60 -3.40 1.15 -24.83
C VAL A 60 -3.95 2.44 -25.43
N HIS A 61 -5.25 2.48 -25.70
CA HIS A 61 -5.81 3.74 -26.22
C HIS A 61 -5.81 4.87 -25.21
N LEU A 62 -5.68 4.53 -23.93
CA LEU A 62 -5.54 5.56 -22.91
C LEU A 62 -4.19 6.27 -22.96
N ARG A 63 -3.24 5.66 -23.63
CA ARG A 63 -1.90 6.20 -23.77
C ARG A 63 -1.32 6.79 -22.46
N PRO A 64 -1.31 5.99 -21.40
CA PRO A 64 -0.77 6.58 -20.16
C PRO A 64 0.75 6.78 -20.25
N GLU A 65 1.25 7.81 -19.57
CA GLU A 65 2.68 7.94 -19.34
C GLU A 65 3.08 7.22 -18.07
N ILE A 66 2.13 7.03 -17.14
CA ILE A 66 2.44 6.41 -15.86
C ILE A 66 1.43 5.30 -15.59
N LEU A 67 1.93 4.10 -15.22
CA LEU A 67 1.09 3.04 -14.69
C LEU A 67 1.29 2.93 -13.20
N VAL A 68 0.19 2.96 -12.43
CA VAL A 68 0.28 2.58 -11.01
C VAL A 68 -0.45 1.25 -10.89
N TYR A 69 0.26 0.21 -10.50
CA TYR A 69 -0.32 -1.11 -10.46
C TYR A 69 -0.54 -1.51 -9.01
N CYS A 70 -1.80 -1.63 -8.65
CA CYS A 70 -2.24 -1.94 -7.29
C CYS A 70 -2.81 -3.35 -7.16
N VAL A 71 -3.00 -4.06 -8.27
CA VAL A 71 -3.76 -5.33 -8.24
C VAL A 71 -3.07 -6.42 -7.39
N ALA A 72 -1.75 -6.55 -7.51
CA ALA A 72 -1.02 -7.60 -6.77
C ALA A 72 -1.15 -7.34 -5.28
N ALA A 73 -1.08 -6.08 -4.88
CA ALA A 73 -1.29 -5.74 -3.46
C ALA A 73 -2.69 -6.14 -2.93
N SER A 74 -3.74 -5.87 -3.72
CA SER A 74 -5.10 -6.32 -3.37
C SER A 74 -5.21 -7.83 -3.34
N GLU A 75 -4.52 -8.49 -4.27
CA GLU A 75 -4.44 -9.96 -4.34
C GLU A 75 -3.71 -10.53 -3.11
N TYR A 76 -2.60 -9.90 -2.73
CA TYR A 76 -1.82 -10.29 -1.53
C TYR A 76 -2.72 -10.36 -0.31
N SER A 77 -3.53 -9.30 -0.15
CA SER A 77 -4.44 -9.12 0.98
C SER A 77 -5.63 -10.06 0.82
N LEU A 83 -3.82 -17.95 -6.81
CA LEU A 83 -3.28 -17.63 -8.13
C LEU A 83 -2.07 -16.68 -8.17
N SER A 84 -1.31 -16.74 -9.26
CA SER A 84 -0.08 -15.94 -9.45
C SER A 84 -0.39 -14.44 -9.58
N TYR A 85 0.56 -13.60 -9.16
CA TYR A 85 0.40 -12.12 -9.25
C TYR A 85 1.10 -11.55 -10.45
N VAL A 86 2.19 -12.21 -10.87
CA VAL A 86 3.04 -11.72 -11.94
C VAL A 86 2.26 -11.74 -13.27
N GLU A 87 1.34 -12.70 -13.39
CA GLU A 87 0.46 -12.86 -14.57
C GLU A 87 -0.23 -11.55 -14.92
N GLY A 88 -0.94 -11.00 -13.95
CA GLY A 88 -1.73 -9.78 -14.11
C GLY A 88 -0.88 -8.59 -14.54
N LEU A 89 0.29 -8.47 -13.92
CA LEU A 89 1.24 -7.41 -14.26
C LEU A 89 1.84 -7.61 -15.66
N ARG A 90 2.18 -8.87 -15.98
CA ARG A 90 2.72 -9.19 -17.30
CA ARG A 90 2.69 -9.27 -17.29
C ARG A 90 1.69 -8.89 -18.38
N ASN A 91 0.44 -9.28 -18.16
CA ASN A 91 -0.65 -9.05 -19.11
C ASN A 91 -0.87 -7.57 -19.32
N THR A 92 -0.85 -6.81 -18.23
CA THR A 92 -1.07 -5.36 -18.28
C THR A 92 0.07 -4.68 -19.01
N LEU A 93 1.32 -4.99 -18.70
CA LEU A 93 2.41 -4.40 -19.41
C LEU A 93 2.40 -4.73 -20.90
N SER A 94 2.13 -5.99 -21.22
CA SER A 94 2.04 -6.40 -22.61
C SER A 94 0.95 -5.61 -23.34
N ALA A 95 -0.19 -5.41 -22.67
CA ALA A 95 -1.33 -4.72 -23.28
C ALA A 95 -1.00 -3.23 -23.50
N LEU A 96 -0.02 -2.72 -22.78
CA LEU A 96 0.38 -1.32 -22.91
C LEU A 96 1.45 -1.12 -23.94
N GLU A 97 1.81 -2.17 -24.70
CA GLU A 97 2.73 -2.00 -25.79
C GLU A 97 2.11 -1.04 -26.80
N GLY A 98 2.81 0.06 -26.94
CA GLY A 98 2.39 1.16 -27.80
C GLY A 98 2.14 2.44 -27.01
N ALA A 99 1.84 2.32 -25.71
CA ALA A 99 1.63 3.51 -24.88
C ALA A 99 2.97 4.19 -24.64
N PRO A 100 2.96 5.49 -24.37
CA PRO A 100 4.15 6.29 -24.12
C PRO A 100 4.55 6.16 -22.67
N LEU A 101 4.67 4.93 -22.22
CA LEU A 101 4.88 4.64 -20.80
C LEU A 101 6.28 5.05 -20.35
N GLN A 102 6.34 5.91 -19.33
CA GLN A 102 7.59 6.43 -18.80
C GLN A 102 7.96 5.85 -17.44
N HIS A 103 6.99 5.36 -16.69
CA HIS A 103 7.28 4.84 -15.37
C HIS A 103 6.17 3.93 -14.91
N VAL A 104 6.58 2.88 -14.19
CA VAL A 104 5.63 2.01 -13.51
C VAL A 104 5.82 2.10 -12.00
N PHE A 105 4.77 2.45 -11.25
CA PHE A 105 4.78 2.36 -9.79
C PHE A 105 4.05 1.09 -9.41
N PHE A 106 4.74 0.20 -8.69
CA PHE A 106 4.14 -1.08 -8.37
C PHE A 106 3.96 -1.16 -6.86
N VAL A 107 2.73 -1.42 -6.42
CA VAL A 107 2.45 -1.52 -4.99
C VAL A 107 2.66 -2.95 -4.57
N SER A 108 3.70 -3.13 -3.79
CA SER A 108 4.05 -4.43 -3.23
C SER A 108 3.72 -4.43 -1.75
N SER A 109 4.30 -5.36 -1.00
CA SER A 109 4.02 -5.52 0.42
C SER A 109 5.27 -5.80 1.20
N THR A 110 5.39 -5.24 2.42
CA THR A 110 6.49 -5.60 3.32
C THR A 110 6.40 -7.05 3.80
N GLY A 111 5.33 -7.76 3.47
CA GLY A 111 5.23 -9.19 3.86
C GLY A 111 6.29 -10.00 3.13
N VAL A 112 6.93 -9.45 2.10
CA VAL A 112 8.04 -10.16 1.44
C VAL A 112 9.20 -10.35 2.39
N TYR A 113 9.29 -9.52 3.42
CA TYR A 113 10.29 -9.72 4.48
C TYR A 113 9.73 -10.74 5.45
N GLY A 114 9.93 -12.01 5.15
CA GLY A 114 9.37 -13.05 6.02
C GLY A 114 10.26 -13.30 7.23
N GLN A 115 11.49 -12.79 7.23
CA GLN A 115 12.39 -12.98 8.37
C GLN A 115 11.82 -12.29 9.60
N GLU A 116 11.91 -12.95 10.74
CA GLU A 116 11.48 -12.38 12.01
C GLU A 116 12.71 -12.00 12.78
N VAL A 117 12.89 -10.72 12.99
CA VAL A 117 14.10 -10.20 13.61
C VAL A 117 13.76 -9.04 14.49
N GLU A 118 14.48 -8.94 15.60
CA GLU A 118 14.32 -7.81 16.50
C GLU A 118 15.29 -6.72 16.07
N GLU A 119 15.08 -6.26 14.85
CA GLU A 119 15.98 -5.36 14.16
C GLU A 119 15.13 -4.49 13.24
N TRP A 120 15.72 -3.39 12.82
CA TRP A 120 15.16 -2.54 11.78
C TRP A 120 15.65 -2.98 10.42
N LEU A 121 14.72 -3.23 9.50
CA LEU A 121 15.05 -3.59 8.12
C LEU A 121 14.73 -2.42 7.22
N ASP A 122 15.49 -2.32 6.13
CA ASP A 122 15.20 -1.34 5.11
C ASP A 122 15.37 -1.90 3.70
N GLU A 123 15.37 -1.03 2.68
CA GLU A 123 15.41 -1.52 1.30
C GLU A 123 16.69 -2.26 0.96
N ASP A 124 17.74 -2.03 1.76
CA ASP A 124 19.02 -2.72 1.53
C ASP A 124 19.00 -4.16 2.03
N THR A 125 18.05 -4.48 2.91
CA THR A 125 17.96 -5.82 3.48
C THR A 125 17.31 -6.80 2.46
N PRO A 126 18.00 -7.90 2.10
CA PRO A 126 17.32 -8.80 1.18
C PRO A 126 16.11 -9.46 1.82
N PRO A 127 14.93 -9.41 1.17
CA PRO A 127 13.76 -10.07 1.74
C PRO A 127 13.85 -11.59 1.62
N ILE A 128 13.48 -12.28 2.69
CA ILE A 128 13.41 -13.73 2.68
C ILE A 128 11.93 -14.08 2.82
N ALA A 129 11.30 -14.43 1.69
CA ALA A 129 9.87 -14.71 1.68
C ALA A 129 9.65 -16.04 2.34
N LYS A 130 8.61 -16.11 3.16
CA LYS A 130 8.36 -17.35 3.90
C LYS A 130 7.01 -17.91 3.62
N ASP A 131 6.27 -17.28 2.72
CA ASP A 131 4.99 -17.84 2.34
C ASP A 131 4.70 -17.62 0.88
N PHE A 132 3.61 -18.22 0.41
CA PHE A 132 3.20 -18.20 -0.97
C PHE A 132 2.92 -16.76 -1.43
N SER A 133 2.27 -15.96 -0.59
CA SER A 133 1.98 -14.58 -0.94
C SER A 133 3.24 -13.74 -1.14
N GLY A 134 4.22 -13.93 -0.25
CA GLY A 134 5.49 -13.22 -0.38
C GLY A 134 6.27 -13.66 -1.61
N LYS A 135 6.22 -14.95 -1.90
CA LYS A 135 6.95 -15.48 -3.04
C LYS A 135 6.32 -14.96 -4.34
N ARG A 136 4.99 -14.97 -4.40
CA ARG A 136 4.25 -14.46 -5.55
C ARG A 136 4.52 -12.97 -5.73
N MET A 137 4.65 -12.25 -4.62
CA MET A 137 4.92 -10.83 -4.72
C MET A 137 6.31 -10.52 -5.23
N LEU A 138 7.30 -11.25 -4.73
CA LEU A 138 8.65 -11.08 -5.27
C LEU A 138 8.73 -11.49 -6.76
N GLU A 139 7.93 -12.49 -7.17
CA GLU A 139 7.89 -12.90 -8.57
CA GLU A 139 7.85 -12.92 -8.58
C GLU A 139 7.30 -11.78 -9.46
N ALA A 140 6.25 -11.12 -8.96
CA ALA A 140 5.64 -9.98 -9.68
C ALA A 140 6.64 -8.81 -9.75
N GLU A 141 7.34 -8.55 -8.64
CA GLU A 141 8.34 -7.49 -8.58
C GLU A 141 9.44 -7.67 -9.61
N ALA A 142 9.86 -8.93 -9.78
CA ALA A 142 11.10 -9.27 -10.49
C ALA A 142 11.07 -8.75 -11.91
N LEU A 143 9.88 -8.85 -12.51
CA LEU A 143 9.58 -8.45 -13.87
C LEU A 143 10.00 -7.01 -14.12
N LEU A 144 9.64 -6.13 -13.20
CA LEU A 144 9.97 -4.72 -13.38
C LEU A 144 11.45 -4.36 -13.53
N ALA A 145 12.37 -5.35 -13.43
CA ALA A 145 13.81 -5.05 -13.55
C ALA A 145 14.18 -4.34 -14.87
N ALA A 146 13.44 -4.66 -15.93
CA ALA A 146 13.67 -4.09 -17.28
C ALA A 146 12.96 -2.79 -17.55
N TYR A 147 12.10 -2.38 -16.60
CA TYR A 147 11.29 -1.18 -16.77
C TYR A 147 11.78 -0.03 -15.90
N SER A 148 11.63 1.20 -16.36
CA SER A 148 11.77 2.35 -15.47
C SER A 148 10.62 2.24 -14.47
N SER A 149 10.94 2.09 -13.18
CA SER A 149 9.92 1.67 -12.21
C SER A 149 10.37 1.92 -10.79
N THR A 150 9.38 1.94 -9.91
CA THR A 150 9.55 2.09 -8.49
C THR A 150 8.61 1.10 -7.83
N ILE A 151 9.19 0.21 -7.06
CA ILE A 151 8.43 -0.74 -6.24
C ILE A 151 8.22 -0.07 -4.88
N LEU A 152 6.95 -0.12 -4.45
CA LEU A 152 6.55 0.47 -3.18
C LEU A 152 6.09 -0.66 -2.27
N ARG A 153 6.94 -1.07 -1.31
CA ARG A 153 6.52 -2.14 -0.40
C ARG A 153 5.77 -1.52 0.78
N PHE A 154 4.43 -1.60 0.70
CA PHE A 154 3.58 -0.99 1.72
C PHE A 154 3.52 -1.91 2.95
N SER A 155 3.61 -1.33 4.14
CA SER A 155 3.25 -2.08 5.35
C SER A 155 1.72 -2.19 5.44
N GLY A 156 1.20 -2.50 6.62
CA GLY A 156 -0.25 -2.68 6.74
C GLY A 156 -1.02 -1.39 6.58
N ILE A 157 -1.92 -1.36 5.59
CA ILE A 157 -2.71 -0.14 5.36
C ILE A 157 -3.82 -0.04 6.40
N TYR A 158 -4.01 1.14 6.94
CA TYR A 158 -5.18 1.41 7.82
C TYR A 158 -5.78 2.72 7.40
N GLY A 159 -7.01 2.96 7.82
CA GLY A 159 -7.66 4.22 7.40
C GLY A 159 -9.15 3.93 7.38
N PRO A 160 -9.95 4.80 6.73
CA PRO A 160 -11.39 4.54 6.62
C PRO A 160 -11.65 3.19 5.95
N GLY A 161 -12.60 2.41 6.46
CA GLY A 161 -12.82 1.07 5.92
C GLY A 161 -11.75 0.01 6.17
N ARG A 162 -10.71 0.38 6.93
CA ARG A 162 -9.69 -0.55 7.44
C ARG A 162 -9.46 -0.28 8.92
N LEU A 163 -10.52 -0.56 9.68
CA LEU A 163 -10.57 -0.27 11.11
C LEU A 163 -10.48 -1.53 11.98
N ARG A 164 -9.95 -2.63 11.44
CA ARG A 164 -9.82 -3.87 12.22
C ARG A 164 -9.16 -3.68 13.60
N MET A 165 -8.10 -2.88 13.71
CA MET A 165 -7.41 -2.73 14.99
CA MET A 165 -7.46 -2.79 14.99
C MET A 165 -8.32 -2.05 16.00
N ILE A 166 -9.12 -1.09 15.53
CA ILE A 166 -10.08 -0.38 16.40
C ILE A 166 -11.11 -1.35 16.95
N ARG A 167 -11.62 -2.23 16.08
CA ARG A 167 -12.61 -3.20 16.53
C ARG A 167 -11.96 -4.23 17.45
N GLN A 168 -10.79 -4.76 17.09
CA GLN A 168 -10.13 -5.76 17.90
C GLN A 168 -9.80 -5.20 19.30
N ALA A 169 -9.48 -3.92 19.38
CA ALA A 169 -9.14 -3.29 20.66
C ALA A 169 -10.32 -3.30 21.62
N GLN A 170 -11.53 -3.48 21.08
CA GLN A 170 -12.76 -3.48 21.90
C GLN A 170 -12.98 -4.81 22.58
N THR A 171 -12.23 -5.81 22.18
CA THR A 171 -12.40 -7.16 22.71
C THR A 171 -11.06 -7.80 23.21
N PRO A 172 -10.58 -7.40 24.41
CA PRO A 172 -9.28 -7.87 24.89
C PRO A 172 -9.16 -9.38 25.07
N GLU A 173 -10.28 -10.08 25.28
CA GLU A 173 -10.20 -11.55 25.31
C GLU A 173 -9.78 -12.17 23.95
N GLN A 174 -9.89 -11.42 22.87
CA GLN A 174 -9.52 -11.92 21.53
C GLN A 174 -8.16 -11.41 21.07
N TRP A 175 -7.41 -10.75 21.95
CA TRP A 175 -6.08 -10.29 21.56
C TRP A 175 -5.13 -11.46 21.32
N PRO A 176 -4.21 -11.31 20.37
CA PRO A 176 -3.33 -12.46 20.02
C PRO A 176 -2.40 -12.81 21.19
N ALA A 177 -1.99 -14.08 21.30
CA ALA A 177 -1.09 -14.47 22.37
C ALA A 177 0.29 -13.84 22.18
N ARG A 178 0.75 -13.80 20.96
CA ARG A 178 2.09 -13.33 20.64
C ARG A 178 2.07 -11.82 20.46
N ASN A 179 3.03 -11.13 21.06
CA ASN A 179 3.11 -9.67 21.00
C ASN A 179 4.16 -9.21 20.00
N ALA A 180 3.81 -9.33 18.72
CA ALA A 180 4.73 -9.07 17.60
C ALA A 180 4.77 -7.60 17.21
N TRP A 181 5.87 -7.16 16.64
CA TRP A 181 5.94 -5.84 16.02
C TRP A 181 4.93 -5.66 14.90
N THR A 182 4.36 -4.45 14.83
CA THR A 182 3.43 -4.12 13.76
C THR A 182 3.88 -2.81 13.10
N ASN A 183 3.72 -2.79 11.77
CA ASN A 183 4.15 -1.68 10.92
C ASN A 183 2.94 -1.28 10.12
N ARG A 184 2.77 0.02 9.95
CA ARG A 184 1.54 0.52 9.26
C ARG A 184 1.77 1.75 8.39
N ILE A 185 0.85 1.96 7.45
CA ILE A 185 0.81 3.17 6.66
C ILE A 185 -0.65 3.53 6.51
N HIS A 186 -0.97 4.80 6.72
CA HIS A 186 -2.34 5.22 6.51
C HIS A 186 -2.62 5.29 5.00
N ARG A 187 -3.79 4.82 4.59
CA ARG A 187 -4.21 4.90 3.19
C ARG A 187 -3.88 6.25 2.54
N ASP A 188 -4.14 7.35 3.24
CA ASP A 188 -3.95 8.65 2.60
C ASP A 188 -2.48 8.99 2.45
N ASP A 189 -1.62 8.53 3.36
CA ASP A 189 -0.19 8.70 3.12
C ASP A 189 0.33 7.82 2.00
N GLY A 190 -0.15 6.57 1.89
CA GLY A 190 0.27 5.74 0.78
C GLY A 190 -0.09 6.42 -0.55
N ALA A 191 -1.33 6.92 -0.65
CA ALA A 191 -1.74 7.57 -1.87
C ALA A 191 -0.97 8.86 -2.12
N ALA A 192 -0.84 9.67 -1.08
CA ALA A 192 -0.18 10.96 -1.25
C ALA A 192 1.31 10.77 -1.54
N PHE A 193 1.93 9.73 -1.01
CA PHE A 193 3.35 9.50 -1.33
C PHE A 193 3.49 9.12 -2.80
N ILE A 194 2.62 8.27 -3.31
CA ILE A 194 2.67 7.96 -4.75
C ILE A 194 2.42 9.20 -5.59
N ALA A 195 1.45 10.04 -5.21
CA ALA A 195 1.24 11.29 -5.94
C ALA A 195 2.44 12.18 -5.87
N TYR A 196 3.10 12.20 -4.71
CA TYR A 196 4.31 13.01 -4.57
C TYR A 196 5.41 12.50 -5.50
N LEU A 197 5.56 11.19 -5.59
CA LEU A 197 6.61 10.65 -6.47
C LEU A 197 6.27 10.95 -7.91
N ILE A 198 4.99 10.99 -8.26
CA ILE A 198 4.57 11.31 -9.61
C ILE A 198 4.90 12.76 -9.91
N GLN A 199 4.67 13.66 -8.95
CA GLN A 199 5.02 15.08 -9.11
C GLN A 199 6.53 15.28 -9.25
N GLN A 200 7.32 14.44 -8.57
CA GLN A 200 8.77 14.54 -8.55
C GLN A 200 9.40 13.86 -9.77
N ARG A 201 8.72 12.87 -10.38
CA ARG A 201 9.33 11.91 -11.36
C ARG A 201 10.06 12.63 -12.46
N SER A 202 9.48 13.72 -12.95
CA SER A 202 10.08 14.42 -14.09
C SER A 202 11.41 15.09 -13.81
N HIS A 203 11.72 15.32 -12.53
CA HIS A 203 12.81 16.22 -12.09
C HIS A 203 13.73 15.65 -11.01
N ALA A 204 13.15 15.06 -9.97
CA ALA A 204 13.90 14.30 -8.98
C ALA A 204 13.50 12.87 -9.26
N VAL A 205 14.35 12.16 -10.01
CA VAL A 205 14.09 10.78 -10.41
C VAL A 205 13.95 9.86 -9.20
N PRO A 206 12.81 9.14 -9.13
CA PRO A 206 12.63 8.24 -7.99
C PRO A 206 13.58 7.05 -7.98
N GLU A 207 13.82 6.60 -6.76
CA GLU A 207 14.49 5.36 -6.47
C GLU A 207 13.74 4.16 -7.03
N ARG A 208 14.42 3.02 -7.13
CA ARG A 208 13.74 1.84 -7.62
C ARG A 208 12.88 1.10 -6.58
N LEU A 209 13.08 1.42 -5.30
CA LEU A 209 12.40 0.71 -4.21
C LEU A 209 12.29 1.58 -3.00
N TYR A 210 11.08 1.62 -2.42
CA TYR A 210 10.85 2.24 -1.10
C TYR A 210 10.02 1.32 -0.28
N ILE A 211 10.33 1.30 1.01
CA ILE A 211 9.40 0.80 2.02
C ILE A 211 8.48 1.97 2.37
N VAL A 212 7.17 1.73 2.28
CA VAL A 212 6.18 2.77 2.58
C VAL A 212 5.53 2.41 3.89
N THR A 213 5.98 3.11 4.93
CA THR A 213 5.56 2.80 6.31
C THR A 213 5.74 4.07 7.15
N ASP A 214 5.05 4.15 8.28
CA ASP A 214 5.15 5.37 9.09
C ASP A 214 6.35 5.31 10.04
N ASN A 215 6.44 6.29 10.93
CA ASN A 215 7.63 6.45 11.78
C ASN A 215 7.71 5.52 12.98
N GLN A 216 6.62 4.83 13.34
CA GLN A 216 6.61 4.16 14.66
C GLN A 216 6.02 2.77 14.62
N PRO A 217 6.83 1.76 14.33
CA PRO A 217 6.37 0.40 14.57
C PRO A 217 6.13 0.23 16.08
N LEU A 218 5.21 -0.65 16.43
CA LEU A 218 5.05 -0.95 17.85
C LEU A 218 4.53 -2.35 18.02
N PRO A 219 4.74 -2.92 19.21
CA PRO A 219 4.20 -4.23 19.48
C PRO A 219 2.68 -4.17 19.46
N VAL A 220 2.04 -5.22 18.96
CA VAL A 220 0.59 -5.21 18.74
C VAL A 220 -0.18 -4.94 20.06
N HIS A 221 0.32 -5.45 21.18
CA HIS A 221 -0.37 -5.20 22.44
C HIS A 221 -0.30 -3.76 22.87
N ASP A 222 0.77 -3.05 22.53
CA ASP A 222 0.79 -1.65 22.86
C ASP A 222 -0.24 -0.87 22.04
N LEU A 223 -0.41 -1.23 20.77
CA LEU A 223 -1.40 -0.57 19.93
C LEU A 223 -2.80 -0.89 20.43
N LEU A 224 -3.05 -2.16 20.74
CA LEU A 224 -4.38 -2.58 21.21
C LEU A 224 -4.72 -1.91 22.53
N ARG A 225 -3.76 -1.81 23.45
CA ARG A 225 -4.06 -1.13 24.72
C ARG A 225 -4.30 0.35 24.52
N TRP A 226 -3.54 1.00 23.62
CA TRP A 226 -3.71 2.44 23.39
C TRP A 226 -5.12 2.65 22.81
N LEU A 227 -5.50 1.81 21.85
CA LEU A 227 -6.82 1.90 21.25
C LEU A 227 -7.95 1.58 22.24
N ALA A 228 -7.68 0.64 23.14
CA ALA A 228 -8.66 0.26 24.15
C ALA A 228 -8.82 1.43 25.12
N ASP A 229 -7.71 2.07 25.51
CA ASP A 229 -7.75 3.21 26.42
C ASP A 229 -8.60 4.35 25.87
N ARG A 230 -8.48 4.61 24.58
CA ARG A 230 -9.23 5.71 24.02
C ARG A 230 -10.68 5.38 23.72
N GLN A 231 -11.07 4.12 23.86
CA GLN A 231 -12.45 3.70 23.64
C GLN A 231 -13.18 3.25 24.91
N GLY A 232 -12.56 3.47 26.07
CA GLY A 232 -13.20 3.07 27.33
C GLY A 232 -13.36 1.57 27.46
N ILE A 233 -12.36 0.81 27.01
CA ILE A 233 -12.40 -0.65 27.05
C ILE A 233 -11.56 -1.15 28.19
N ALA A 234 -12.18 -1.94 29.06
CA ALA A 234 -11.48 -2.47 30.23
C ALA A 234 -10.59 -3.64 29.91
N TYR A 235 -9.42 -3.70 30.54
CA TYR A 235 -8.58 -4.90 30.49
C TYR A 235 -7.74 -4.88 31.77
N PRO A 236 -7.11 -6.00 32.10
CA PRO A 236 -6.36 -6.03 33.38
C PRO A 236 -5.04 -5.28 33.24
N ALA A 237 -4.77 -4.44 34.25
CA ALA A 237 -3.47 -3.77 34.32
C ALA A 237 -2.37 -4.80 34.45
N GLY A 238 -1.17 -4.48 33.97
CA GLY A 238 -0.08 -5.40 34.08
C GLY A 238 0.80 -5.36 32.85
N ALA A 239 1.87 -6.11 32.90
CA ALA A 239 2.80 -6.24 31.77
C ALA A 239 2.08 -6.81 30.55
N THR A 240 2.47 -6.32 29.37
CA THR A 240 2.11 -7.00 28.13
C THR A 240 2.95 -8.26 27.98
N PRO A 241 2.57 -9.16 27.07
CA PRO A 241 3.43 -10.31 26.81
C PRO A 241 4.79 -9.81 26.29
N PRO A 242 5.87 -10.58 26.49
CA PRO A 242 7.16 -10.20 25.92
C PRO A 242 7.05 -9.84 24.42
N VAL A 243 7.78 -8.78 24.06
CA VAL A 243 7.77 -8.28 22.69
C VAL A 243 8.61 -9.22 21.84
N GLN A 244 8.00 -9.86 20.86
CA GLN A 244 8.69 -10.81 20.02
C GLN A 244 7.87 -11.14 18.78
N GLY A 245 8.51 -11.06 17.61
CA GLY A 245 7.87 -11.46 16.38
C GLY A 245 7.81 -10.37 15.31
N ASN A 246 7.76 -10.82 14.07
CA ASN A 246 7.73 -9.95 12.90
C ASN A 246 9.02 -9.11 12.85
N LYS A 247 8.98 -7.81 12.51
CA LYS A 247 10.19 -7.00 12.38
C LYS A 247 9.82 -5.55 12.44
N LYS A 248 10.81 -4.68 12.49
CA LYS A 248 10.57 -3.24 12.43
C LYS A 248 11.05 -2.78 11.09
N LEU A 249 10.25 -1.93 10.47
CA LEU A 249 10.61 -1.43 9.15
C LEU A 249 10.91 0.05 9.18
N SER A 250 12.08 0.42 8.65
CA SER A 250 12.52 1.79 8.56
C SER A 250 12.00 2.50 7.31
N ASN A 251 11.47 3.70 7.50
CA ASN A 251 11.07 4.54 6.40
C ASN A 251 12.07 5.65 6.08
N ALA A 252 13.34 5.41 6.36
CA ALA A 252 14.36 6.42 6.14
C ALA A 252 14.36 6.96 4.71
N ARG A 253 14.31 6.06 3.73
CA ARG A 253 14.32 6.49 2.32
C ARG A 253 13.08 7.34 1.97
N LEU A 254 11.90 6.93 2.44
CA LEU A 254 10.71 7.73 2.21
C LEU A 254 10.88 9.13 2.81
N LEU A 255 11.41 9.24 4.02
CA LEU A 255 11.62 10.55 4.63
C LEU A 255 12.65 11.35 3.81
N ALA A 256 13.70 10.69 3.32
CA ALA A 256 14.77 11.38 2.55
C ALA A 256 14.29 11.87 1.20
N SER A 257 13.14 11.39 0.72
CA SER A 257 12.57 11.86 -0.55
C SER A 257 11.98 13.24 -0.37
N GLY A 258 11.79 13.67 0.88
CA GLY A 258 11.17 14.95 1.17
C GLY A 258 9.68 14.87 1.43
N TYR A 259 9.11 13.67 1.25
CA TYR A 259 7.69 13.51 1.51
C TYR A 259 7.40 13.74 2.99
N GLN A 260 6.32 14.47 3.27
CA GLN A 260 5.90 14.74 4.67
C GLN A 260 4.66 13.93 5.02
N LEU A 261 4.82 13.02 5.98
CA LEU A 261 3.67 12.23 6.39
C LEU A 261 2.52 13.06 6.96
N ILE A 262 1.33 12.76 6.49
CA ILE A 262 0.11 13.35 7.05
C ILE A 262 -0.12 12.78 8.46
N TYR A 263 0.11 11.47 8.63
CA TYR A 263 -0.09 10.78 9.88
C TYR A 263 1.20 10.10 10.22
N PRO A 264 2.11 10.83 10.88
CA PRO A 264 3.47 10.31 11.10
C PRO A 264 3.48 9.01 11.92
N ASP A 265 2.47 8.78 12.74
CA ASP A 265 2.45 7.60 13.61
C ASP A 265 1.00 7.28 13.95
N TYR A 266 0.81 6.16 14.66
CA TYR A 266 -0.51 5.63 14.96
C TYR A 266 -1.35 6.61 15.83
N VAL A 267 -0.67 7.40 16.64
CA VAL A 267 -1.38 8.38 17.51
C VAL A 267 -2.17 9.37 16.66
N SER A 268 -1.54 9.89 15.61
CA SER A 268 -2.17 10.80 14.66
CA SER A 268 -2.28 10.83 14.76
C SER A 268 -3.27 10.12 13.83
N GLY A 269 -2.91 8.99 13.21
CA GLY A 269 -3.82 8.31 12.33
C GLY A 269 -5.02 7.73 13.04
N TYR A 270 -4.80 6.96 14.09
CA TYR A 270 -5.92 6.42 14.82
C TYR A 270 -6.67 7.50 15.59
N GLY A 271 -5.96 8.52 16.07
CA GLY A 271 -6.68 9.71 16.60
C GLY A 271 -7.72 10.25 15.60
N ALA A 272 -7.34 10.42 14.34
CA ALA A 272 -8.25 10.95 13.32
C ALA A 272 -9.42 9.99 13.03
N LEU A 273 -9.18 8.69 13.15
CA LEU A 273 -10.18 7.75 12.70
C LEU A 273 -11.21 7.58 13.76
N LEU A 274 -10.76 7.61 15.01
CA LEU A 274 -11.68 7.58 16.13
C LEU A 274 -12.57 8.80 16.05
N ALA A 275 -11.98 9.97 15.84
CA ALA A 275 -12.78 11.22 15.77
C ALA A 275 -13.85 11.17 14.68
N ALA A 276 -13.55 10.58 13.53
CA ALA A 276 -14.44 10.58 12.37
C ALA A 276 -15.56 9.57 12.52
N MET A 277 -15.21 8.38 13.02
CA MET A 277 -16.17 7.31 13.18
C MET A 277 -17.26 7.70 14.19
N ARG A 278 -16.92 8.59 15.13
CA ARG A 278 -17.90 9.15 16.10
C ARG A 278 -18.88 10.18 15.49
N GLU A 279 -18.78 10.38 14.18
CA GLU A 279 -19.72 11.20 13.37
C GLU A 279 -19.34 12.66 13.24
#